data_7KUE
#
_entry.id   7KUE
#
_cell.length_a   1.00
_cell.length_b   1.00
_cell.length_c   1.00
_cell.angle_alpha   90.00
_cell.angle_beta   90.00
_cell.angle_gamma   90.00
#
_symmetry.space_group_name_H-M   'P 1'
#
loop_
_entity.id
_entity.type
_entity.pdbx_description
1 polymer 'RNA polymerase II transcription factor B subunit 3'
2 polymer 'Serine/threonine-protein kinase KIN28'
3 polymer 'Cyclin CCL1'
4 non-polymer "ADENOSINE-5'-DIPHOSPHATE"
5 non-polymer 'ALUMINUM FLUORIDE'
#
loop_
_entity_poly.entity_id
_entity_poly.type
_entity_poly.pdbx_seq_one_letter_code
_entity_poly.pdbx_strand_id
1 'polypeptide(L)'
;MLMDEYEENKDMCPICKTDRYLSPDVKFLVNPECYHRICESCVDRIFSLGPAQCPYKGCDKILRKNKFKTQIFDDVEVEK
EVDIRKRVFNVFNKTIDDFNGDLVEYNKYLEEVEDIIYKLDHGIDVAKTEEKLRTYEELNKQLIMNNLERSRTEIESFEQ
RQKFEKEMKLKKRLLERQIEEEERMNKEWTKKEIVNRLSTTTQDINETIEGVKNTVKLKKSSARRKLEELNRVLKNNPYF
NSNVNVQNSRLKDAVPFTPFNGDREAHPPFTLKGSVYNDPFIKDLEHRKEFIASGFNTNYAYERVLTEAFMGLGCVISEE
L
;
C
2 'polypeptide(L)'
;MKVNMEYTKEKKVGEGTYAVVYLGCQHSTGRKIAIKEIKTSEFKDGLDMSAIREVKYLQEMQHPNVIELIDIFMAYDNLN
LVLEFLPTDLEVVIKDKSILFTPADIKAWMLMTLRGVYHCHRNFILHRDLKPNNLLFSPDGQIKVADFGLARAIPAPHEI
L(TPO)SNVVTRWYRAPELLFGAKHYTSAIDIWSVGVIFAELMLRIPYLPGQNDVDQMEVTFRALGTPTDRDWPEVSSFM
TYNKLQIYPPPSRDELRKRFIAASEYALDFMCGMLTMNPQKRWTAVQCLESDYFKELPPPSDPSSIKIRN
;
A
3 'polypeptide(L)'
;MTDIQLNGKSTLDTPSATMSAKEKEAKLKSADENNKPPNYKRISDSQLYRHSSQYRMWSYTKDQLQEKRVDTNARAIAYI
EENLLKFREAHNLTEEEIKVLEAKAIPLTMEEELDLVNFYAKKVQVIAQHLNLPTEVVATAISFFRRFFLENSVMQIDPK
SIVHTTIFLACKSENYFISVDSFAQKAKSTRDSVLKFEFKLLESLKFSLLNHHPYKPLHGFFLDIQNVLYGKVDLNYMGQ
IYDRCKKRITAALLTDVVYFYTPPQITLATLLIEDEALVTRYLETKFPSREGSQESVPGNEKEEPQNDASTTEKNKEKST
ESEEYSIDSAKLLTIIRECKSIIEDCKPPSTEEAKKIAAKNYYCQNPSTLIQKLKRKLNGEDTSSTVEKKQKT
;
B
#
# COMPACT_ATOMS: atom_id res chain seq x y z
N PRO A 259 10.39 -7.85 30.30
CA PRO A 259 10.51 -6.73 29.37
C PRO A 259 9.35 -6.66 28.40
N PHE A 260 9.43 -5.77 27.42
CA PHE A 260 8.41 -5.67 26.39
C PHE A 260 9.05 -5.19 25.11
N ASN A 261 8.35 -5.42 24.00
CA ASN A 261 8.70 -4.88 22.70
C ASN A 261 7.54 -4.05 22.21
N GLY A 262 7.84 -2.87 21.66
CA GLY A 262 6.83 -1.98 21.11
C GLY A 262 6.15 -2.58 19.89
N ASP A 263 6.96 -3.04 18.96
CA ASP A 263 6.50 -3.83 17.81
C ASP A 263 7.06 -5.23 17.95
N ARG A 264 6.19 -6.23 17.79
CA ARG A 264 6.51 -7.60 18.17
C ARG A 264 7.58 -8.22 17.26
N GLU A 265 7.39 -8.12 15.94
CA GLU A 265 8.43 -8.53 15.00
C GLU A 265 8.32 -7.62 13.77
N ALA A 266 9.07 -6.52 13.79
CA ALA A 266 8.96 -5.52 12.74
C ALA A 266 10.28 -4.85 12.39
N HIS A 267 11.40 -5.56 12.49
CA HIS A 267 12.71 -4.96 12.23
C HIS A 267 13.50 -5.75 11.21
N PRO A 268 13.87 -5.16 10.07
CA PRO A 268 14.79 -5.84 9.14
C PRO A 268 16.24 -5.52 9.47
N PRO A 269 17.17 -6.42 9.19
CA PRO A 269 18.57 -6.20 9.57
C PRO A 269 19.48 -5.61 8.50
N PHE A 270 18.97 -5.24 7.34
CA PHE A 270 19.84 -4.72 6.28
C PHE A 270 20.21 -3.26 6.56
N THR A 271 21.23 -2.81 5.82
CA THR A 271 21.78 -1.47 5.99
C THR A 271 21.44 -0.59 4.79
N LEU A 272 21.68 0.71 4.96
CA LEU A 272 21.37 1.71 3.95
C LEU A 272 22.27 2.92 4.18
N LYS A 273 22.58 3.63 3.10
CA LYS A 273 23.38 4.85 3.16
C LYS A 273 22.94 5.77 2.03
N GLY A 274 22.10 6.76 2.36
CA GLY A 274 21.46 7.59 1.36
C GLY A 274 22.29 8.71 0.78
N SER A 275 23.50 8.96 1.31
CA SER A 275 24.34 10.05 0.85
C SER A 275 25.36 9.61 -0.19
N VAL A 276 25.13 8.46 -0.82
CA VAL A 276 26.10 7.88 -1.75
C VAL A 276 25.60 7.94 -3.19
N TYR A 277 24.29 7.76 -3.40
CA TYR A 277 23.73 7.49 -4.72
C TYR A 277 23.70 8.75 -5.59
N ASN A 278 23.51 8.52 -6.89
CA ASN A 278 23.41 9.56 -7.91
C ASN A 278 22.24 9.29 -8.84
N ASP A 279 21.07 9.07 -8.24
CA ASP A 279 19.88 8.66 -9.00
C ASP A 279 19.34 9.84 -9.81
N PRO A 280 19.09 9.65 -11.11
CA PRO A 280 18.63 10.77 -11.94
C PRO A 280 17.11 10.92 -12.00
N PHE A 281 16.37 10.28 -11.09
CA PHE A 281 14.92 10.35 -11.10
C PHE A 281 14.32 10.90 -9.82
N ILE A 282 15.04 10.91 -8.71
CA ILE A 282 14.57 11.44 -7.44
C ILE A 282 15.46 12.56 -6.91
N LYS A 283 16.78 12.42 -7.05
CA LYS A 283 17.71 13.47 -6.60
C LYS A 283 17.56 14.75 -7.43
N ASP A 284 17.19 14.65 -8.70
CA ASP A 284 16.81 15.84 -9.45
C ASP A 284 15.35 16.23 -9.21
N LEU A 285 14.52 15.29 -8.80
CA LEU A 285 13.09 15.57 -8.56
C LEU A 285 12.89 16.35 -7.27
N GLU A 286 13.78 16.19 -6.30
CA GLU A 286 13.67 16.86 -5.01
C GLU A 286 14.17 18.29 -5.04
N HIS A 287 14.74 18.74 -6.15
CA HIS A 287 15.16 20.13 -6.27
C HIS A 287 14.02 21.08 -6.62
N ARG A 288 12.85 20.56 -6.95
CA ARG A 288 11.71 21.40 -7.30
C ARG A 288 11.03 21.93 -6.05
N LYS A 289 10.08 22.85 -6.25
CA LYS A 289 9.46 23.56 -5.14
C LYS A 289 8.33 22.75 -4.52
N GLU A 290 7.38 22.32 -5.35
CA GLU A 290 6.17 21.66 -4.85
C GLU A 290 6.40 20.22 -4.41
N PHE A 291 7.54 19.62 -4.77
CA PHE A 291 7.84 18.27 -4.32
C PHE A 291 8.24 18.24 -2.85
N ILE A 292 9.03 19.23 -2.41
CA ILE A 292 9.47 19.32 -1.02
C ILE A 292 8.29 19.62 -0.10
N ALA A 293 7.34 20.43 -0.58
CA ALA A 293 6.23 20.96 0.21
C ALA A 293 5.22 19.90 0.65
N SER A 294 5.27 18.69 0.10
CA SER A 294 4.39 17.61 0.53
C SER A 294 5.11 16.59 1.40
N GLY A 295 6.25 16.96 1.96
CA GLY A 295 6.96 16.10 2.88
C GLY A 295 7.91 15.11 2.27
N PHE A 296 8.28 15.29 1.00
CA PHE A 296 9.13 14.33 0.32
C PHE A 296 10.61 14.62 0.59
N ASN A 297 11.33 13.57 1.00
CA ASN A 297 12.78 13.59 1.05
C ASN A 297 13.31 12.30 0.45
N THR A 298 14.63 12.27 0.20
CA THR A 298 15.23 11.22 -0.61
C THR A 298 15.30 9.89 0.13
N ASN A 299 15.60 9.90 1.43
CA ASN A 299 15.81 8.66 2.18
C ASN A 299 14.51 7.86 2.39
N TYR A 300 13.36 8.52 2.37
CA TYR A 300 12.09 7.82 2.48
C TYR A 300 11.79 7.01 1.22
N ALA A 301 12.06 7.60 0.05
CA ALA A 301 11.85 6.88 -1.20
C ALA A 301 12.86 5.75 -1.38
N TYR A 302 14.12 6.00 -0.99
CA TYR A 302 15.15 4.97 -1.07
C TYR A 302 14.90 3.84 -0.08
N GLU A 303 14.42 4.16 1.12
CA GLU A 303 14.02 3.13 2.07
C GLU A 303 12.78 2.38 1.62
N ARG A 304 11.90 3.03 0.87
CA ARG A 304 10.78 2.36 0.26
C ARG A 304 11.19 1.39 -0.83
N VAL A 305 12.17 1.74 -1.66
CA VAL A 305 12.48 0.95 -2.85
C VAL A 305 13.55 -0.10 -2.57
N LEU A 306 14.50 0.16 -1.66
CA LEU A 306 15.57 -0.79 -1.40
C LEU A 306 15.09 -1.95 -0.55
N THR A 307 14.18 -1.71 0.39
CA THR A 307 13.60 -2.82 1.14
C THR A 307 12.65 -3.64 0.28
N GLU A 308 11.99 -3.00 -0.70
CA GLU A 308 11.22 -3.74 -1.69
C GLU A 308 12.11 -4.52 -2.65
N ALA A 309 13.36 -4.11 -2.82
CA ALA A 309 14.30 -4.86 -3.64
C ALA A 309 14.82 -6.12 -2.96
N PHE A 310 14.60 -6.28 -1.66
CA PHE A 310 15.09 -7.45 -0.94
C PHE A 310 13.96 -8.27 -0.35
N MET A 311 12.72 -7.99 -0.71
CA MET A 311 11.59 -8.79 -0.23
C MET A 311 11.52 -10.10 -0.99
N GLY A 312 11.66 -11.20 -0.28
CA GLY A 312 11.36 -12.51 -0.79
C GLY A 312 12.51 -13.33 -1.31
N LEU A 313 13.71 -13.19 -0.76
CA LEU A 313 14.84 -14.00 -1.21
C LEU A 313 14.74 -15.40 -0.59
N GLY A 314 13.86 -16.19 -1.20
CA GLY A 314 13.61 -17.56 -0.79
C GLY A 314 13.96 -18.54 -1.88
N CYS A 315 13.13 -19.56 -2.08
CA CYS A 315 13.41 -20.58 -3.09
C CYS A 315 12.09 -21.19 -3.56
N VAL A 316 12.21 -22.22 -4.40
CA VAL A 316 11.06 -23.03 -4.81
C VAL A 316 10.93 -24.30 -4.00
N ILE A 317 11.92 -24.62 -3.15
CA ILE A 317 11.78 -25.71 -2.21
C ILE A 317 10.76 -25.35 -1.13
N SER A 318 10.68 -24.07 -0.77
CA SER A 318 9.72 -23.58 0.21
C SER A 318 8.38 -23.24 -0.46
N GLU A 319 7.78 -24.26 -1.08
CA GLU A 319 6.49 -24.09 -1.74
C GLU A 319 5.56 -25.27 -1.53
N GLU A 320 5.94 -26.25 -0.71
CA GLU A 320 5.13 -27.43 -0.49
C GLU A 320 5.28 -27.95 0.93
N GLU B 6 -18.78 -16.37 4.34
CA GLU B 6 -19.66 -17.50 4.58
C GLU B 6 -21.08 -17.17 4.15
N TYR B 7 -21.88 -18.21 3.92
CA TYR B 7 -23.24 -18.05 3.44
C TYR B 7 -24.21 -18.03 4.63
N THR B 8 -24.02 -17.01 5.46
CA THR B 8 -24.82 -16.82 6.67
C THR B 8 -25.12 -15.35 6.83
N LYS B 9 -26.39 -15.02 7.11
CA LYS B 9 -26.83 -13.64 7.20
C LYS B 9 -27.81 -13.46 8.36
N GLU B 10 -27.80 -12.26 8.91
CA GLU B 10 -28.77 -11.81 9.91
C GLU B 10 -28.95 -10.31 9.72
N LYS B 11 -29.44 -9.61 10.75
CA LYS B 11 -29.90 -8.23 10.67
C LYS B 11 -28.81 -7.25 10.23
N LYS B 12 -29.24 -6.19 9.57
CA LYS B 12 -28.36 -5.28 8.85
C LYS B 12 -27.93 -4.09 9.70
N VAL B 13 -26.73 -3.60 9.42
CA VAL B 13 -26.20 -2.36 9.97
C VAL B 13 -25.90 -1.44 8.79
N GLY B 14 -26.21 -0.15 8.96
CA GLY B 14 -25.82 0.84 7.97
C GLY B 14 -26.96 1.37 7.12
N GLU B 15 -27.20 2.67 7.21
CA GLU B 15 -28.22 3.34 6.40
C GLU B 15 -27.63 4.01 5.16
N GLY B 16 -26.32 3.87 4.93
CA GLY B 16 -25.68 4.52 3.80
C GLY B 16 -26.04 3.80 2.50
N THR B 17 -26.18 4.59 1.43
CA THR B 17 -26.56 4.03 0.13
C THR B 17 -25.40 3.40 -0.62
N TYR B 18 -24.15 3.68 -0.20
CA TYR B 18 -23.00 3.08 -0.87
C TYR B 18 -22.86 1.60 -0.51
N ALA B 19 -23.01 1.27 0.77
CA ALA B 19 -22.88 -0.10 1.24
C ALA B 19 -23.69 -0.27 2.52
N VAL B 20 -24.36 -1.41 2.65
CA VAL B 20 -25.09 -1.78 3.85
C VAL B 20 -24.51 -3.11 4.32
N VAL B 21 -23.93 -3.13 5.52
CA VAL B 21 -23.21 -4.31 5.97
C VAL B 21 -24.17 -5.25 6.68
N TYR B 22 -23.94 -6.53 6.50
CA TYR B 22 -24.73 -7.57 7.14
C TYR B 22 -23.99 -8.07 8.38
N LEU B 23 -24.46 -9.17 8.94
CA LEU B 23 -23.85 -9.78 10.10
C LEU B 23 -24.11 -11.28 10.04
N GLY B 24 -23.35 -12.04 10.81
CA GLY B 24 -23.58 -13.47 10.85
C GLY B 24 -22.34 -14.21 11.32
N CYS B 25 -22.36 -15.52 11.08
CA CYS B 25 -21.27 -16.40 11.46
C CYS B 25 -20.79 -17.22 10.28
N LYS B 32 -20.28 -14.09 14.03
CA LYS B 32 -18.89 -13.78 14.35
C LYS B 32 -18.27 -12.90 13.27
N ILE B 33 -18.92 -12.83 12.11
CA ILE B 33 -18.42 -12.06 10.97
C ILE B 33 -19.47 -11.02 10.61
N ALA B 34 -19.15 -10.23 9.59
CA ALA B 34 -20.07 -9.21 9.08
C ALA B 34 -19.88 -9.08 7.58
N ILE B 35 -20.91 -9.45 6.82
CA ILE B 35 -20.83 -9.45 5.36
C ILE B 35 -21.03 -8.04 4.86
N LYS B 36 -20.02 -7.48 4.20
CA LYS B 36 -20.11 -6.17 3.57
C LYS B 36 -20.42 -6.37 2.09
N GLU B 37 -21.50 -5.75 1.63
CA GLU B 37 -21.96 -5.89 0.25
C GLU B 37 -21.90 -4.55 -0.46
N ILE B 38 -21.21 -4.51 -1.60
CA ILE B 38 -21.10 -3.32 -2.44
C ILE B 38 -22.11 -3.47 -3.57
N LYS B 39 -23.07 -2.54 -3.64
CA LYS B 39 -24.11 -2.60 -4.66
C LYS B 39 -23.53 -2.19 -6.00
N THR B 40 -23.53 -3.14 -6.95
CA THR B 40 -22.92 -2.88 -8.26
C THR B 40 -23.79 -1.97 -9.12
N SER B 41 -25.09 -2.19 -9.12
CA SER B 41 -26.01 -1.39 -9.91
C SER B 41 -26.25 -0.02 -9.27
N LYS B 44 -22.98 4.40 -15.96
CA LYS B 44 -21.65 4.73 -15.44
C LYS B 44 -20.73 3.52 -15.51
N ASP B 45 -19.77 3.48 -14.59
CA ASP B 45 -18.82 2.37 -14.53
C ASP B 45 -19.51 1.13 -13.94
N GLY B 46 -18.91 -0.03 -14.21
CA GLY B 46 -19.40 -1.27 -13.65
C GLY B 46 -19.09 -1.40 -12.18
N LEU B 47 -17.80 -1.52 -11.85
CA LEU B 47 -17.33 -1.57 -10.47
C LEU B 47 -16.67 -0.24 -10.12
N ASP B 48 -16.97 0.24 -8.92
CA ASP B 48 -16.42 1.51 -8.45
C ASP B 48 -14.95 1.37 -8.11
N MET B 49 -14.29 2.52 -7.99
CA MET B 49 -12.89 2.56 -7.57
C MET B 49 -12.72 2.09 -6.13
N SER B 50 -13.66 2.45 -5.26
CA SER B 50 -13.57 2.17 -3.83
C SER B 50 -14.16 0.82 -3.45
N ALA B 51 -14.17 -0.15 -4.37
CA ALA B 51 -14.45 -1.55 -4.05
C ALA B 51 -13.24 -2.43 -4.32
N ILE B 52 -12.68 -2.35 -5.53
CA ILE B 52 -11.40 -3.00 -5.80
C ILE B 52 -10.29 -2.32 -5.01
N ARG B 53 -10.43 -1.01 -4.77
CA ARG B 53 -9.44 -0.24 -4.00
C ARG B 53 -9.45 -0.63 -2.54
N GLU B 54 -10.55 -1.19 -2.04
CA GLU B 54 -10.60 -1.62 -0.65
C GLU B 54 -10.47 -3.12 -0.48
N VAL B 55 -10.56 -3.91 -1.55
CA VAL B 55 -10.28 -5.33 -1.37
C VAL B 55 -8.81 -5.62 -1.66
N LYS B 56 -8.17 -4.84 -2.55
CA LYS B 56 -6.86 -5.22 -3.07
C LYS B 56 -5.72 -4.98 -2.09
N TYR B 57 -5.92 -4.19 -1.02
CA TYR B 57 -4.88 -4.08 0.00
C TYR B 57 -5.26 -4.77 1.30
N LEU B 58 -6.55 -4.93 1.57
CA LEU B 58 -6.98 -5.62 2.77
C LEU B 58 -6.94 -7.14 2.58
N GLN B 59 -6.81 -7.61 1.34
CA GLN B 59 -6.56 -9.03 1.08
C GLN B 59 -5.18 -9.46 1.58
N GLU B 60 -4.16 -8.63 1.36
CA GLU B 60 -2.78 -9.07 1.53
C GLU B 60 -2.17 -8.71 2.89
N MET B 61 -2.93 -8.11 3.80
CA MET B 61 -2.43 -7.84 5.14
C MET B 61 -2.92 -8.89 6.13
N GLN B 62 -2.00 -9.41 6.93
CA GLN B 62 -2.35 -10.25 8.07
C GLN B 62 -1.64 -9.71 9.31
N HIS B 63 -2.43 -9.34 10.31
CA HIS B 63 -1.95 -8.72 11.54
C HIS B 63 -3.04 -8.86 12.59
N PRO B 64 -2.68 -8.77 13.89
CA PRO B 64 -3.72 -8.65 14.92
C PRO B 64 -4.21 -7.22 15.14
N ASN B 65 -3.94 -6.31 14.21
CA ASN B 65 -4.45 -4.95 14.29
C ASN B 65 -5.07 -4.45 13.00
N VAL B 66 -5.14 -5.30 11.96
CA VAL B 66 -5.86 -5.01 10.72
C VAL B 66 -6.67 -6.26 10.40
N ILE B 67 -7.98 -6.09 10.16
CA ILE B 67 -8.84 -7.26 9.95
C ILE B 67 -8.58 -7.88 8.58
N GLU B 68 -8.95 -9.15 8.45
CA GLU B 68 -8.60 -9.96 7.30
C GLU B 68 -9.86 -10.60 6.71
N LEU B 69 -9.68 -11.19 5.54
CA LEU B 69 -10.76 -11.81 4.79
C LEU B 69 -10.73 -13.33 4.98
N ILE B 70 -11.82 -13.88 5.49
CA ILE B 70 -11.99 -15.33 5.50
C ILE B 70 -12.37 -15.83 4.10
N ASP B 71 -13.37 -15.19 3.49
CA ASP B 71 -13.73 -15.48 2.12
C ASP B 71 -14.32 -14.23 1.47
N ILE B 72 -14.11 -14.12 0.17
CA ILE B 72 -14.50 -12.98 -0.66
C ILE B 72 -15.37 -13.55 -1.79
N PHE B 73 -16.23 -14.51 -1.44
CA PHE B 73 -17.03 -15.25 -2.42
C PHE B 73 -18.02 -14.34 -3.15
N MET B 74 -18.18 -14.62 -4.44
CA MET B 74 -18.93 -13.75 -5.34
C MET B 74 -20.42 -13.93 -5.17
N ALA B 75 -21.15 -12.83 -5.19
CA ALA B 75 -22.61 -12.86 -5.13
C ALA B 75 -23.16 -12.94 -6.55
N TYR B 76 -24.47 -12.75 -6.69
CA TYR B 76 -25.08 -12.77 -8.02
C TYR B 76 -24.76 -11.50 -8.80
N ASP B 77 -24.74 -10.35 -8.13
CA ASP B 77 -24.39 -9.10 -8.79
C ASP B 77 -23.40 -8.30 -7.96
N ASN B 78 -23.43 -8.48 -6.65
CA ASN B 78 -22.66 -7.67 -5.73
C ASN B 78 -21.35 -8.37 -5.36
N LEU B 79 -20.56 -7.71 -4.52
CA LEU B 79 -19.32 -8.27 -3.99
C LEU B 79 -19.45 -8.43 -2.48
N ASN B 80 -19.12 -9.61 -1.99
CA ASN B 80 -19.21 -9.91 -0.57
C ASN B 80 -17.83 -9.92 0.07
N LEU B 81 -17.74 -9.36 1.28
CA LEU B 81 -16.53 -9.39 2.09
C LEU B 81 -16.90 -9.95 3.46
N VAL B 82 -15.92 -10.00 4.37
CA VAL B 82 -16.19 -10.23 5.78
C VAL B 82 -15.57 -9.10 6.58
N LEU B 83 -16.04 -8.95 7.81
CA LEU B 83 -15.65 -7.86 8.70
C LEU B 83 -15.67 -8.40 10.14
N GLU B 84 -15.71 -7.49 11.10
CA GLU B 84 -15.68 -7.81 12.52
C GLU B 84 -17.04 -7.52 13.14
N PHE B 85 -17.33 -8.18 14.27
CA PHE B 85 -18.64 -8.10 14.91
C PHE B 85 -18.84 -6.78 15.67
N LEU B 86 -18.00 -6.50 16.66
CA LEU B 86 -18.27 -5.51 17.70
C LEU B 86 -18.14 -4.07 17.20
N PRO B 87 -18.80 -3.10 17.89
CA PRO B 87 -18.67 -1.68 17.50
C PRO B 87 -17.31 -1.04 17.73
N THR B 88 -17.24 0.25 17.46
CA THR B 88 -16.00 0.97 17.16
C THR B 88 -15.58 1.90 18.31
N ASP B 89 -14.50 2.64 18.05
CA ASP B 89 -13.92 3.55 19.04
C ASP B 89 -14.74 4.82 19.22
N LEU B 90 -15.57 5.17 18.24
CA LEU B 90 -16.33 6.42 18.32
C LEU B 90 -17.44 6.34 19.36
N GLU B 91 -18.11 5.20 19.45
CA GLU B 91 -19.16 5.03 20.46
C GLU B 91 -18.57 4.82 21.86
N VAL B 92 -17.30 4.46 21.95
CA VAL B 92 -16.63 4.36 23.24
C VAL B 92 -16.40 5.75 23.83
N VAL B 93 -15.93 6.68 23.01
CA VAL B 93 -15.57 8.01 23.50
C VAL B 93 -16.81 8.84 23.83
N ILE B 94 -17.81 8.81 22.94
CA ILE B 94 -18.91 9.76 23.02
C ILE B 94 -19.93 9.42 24.10
N LYS B 95 -19.93 8.19 24.62
CA LYS B 95 -20.97 7.82 25.59
C LYS B 95 -20.36 6.85 26.61
N ASP B 96 -19.88 7.41 27.71
CA ASP B 96 -19.46 6.65 28.89
C ASP B 96 -19.60 7.56 30.12
N LYS B 97 -19.27 6.99 31.28
CA LYS B 97 -19.29 7.71 32.55
C LYS B 97 -17.88 7.80 33.14
N SER B 98 -16.92 8.17 32.28
CA SER B 98 -15.49 8.39 32.60
C SER B 98 -14.82 7.13 33.14
N ILE B 99 -15.00 6.02 32.41
CA ILE B 99 -14.27 4.79 32.72
C ILE B 99 -12.79 4.95 32.38
N LEU B 100 -12.51 5.62 31.26
CA LEU B 100 -11.18 5.66 30.68
C LEU B 100 -10.22 6.50 31.52
N PHE B 101 -9.12 5.89 31.94
CA PHE B 101 -8.16 6.53 32.83
C PHE B 101 -6.77 6.55 32.21
N THR B 102 -6.15 7.72 32.28
CA THR B 102 -4.83 8.05 31.74
C THR B 102 -3.62 7.22 32.21
N PRO B 103 -3.64 6.51 33.38
CA PRO B 103 -2.62 5.47 33.59
C PRO B 103 -2.49 4.40 32.51
N ALA B 104 -3.56 3.70 32.15
CA ALA B 104 -3.38 2.50 31.34
C ALA B 104 -4.25 2.45 30.08
N ASP B 105 -5.45 3.03 30.11
CA ASP B 105 -6.37 2.89 28.99
C ASP B 105 -5.99 3.76 27.80
N ILE B 106 -5.16 4.78 28.01
CA ILE B 106 -4.75 5.67 26.94
C ILE B 106 -3.53 5.12 26.19
N LYS B 107 -2.82 4.16 26.79
CA LYS B 107 -1.57 3.64 26.27
C LYS B 107 -1.74 2.43 25.37
N ALA B 108 -2.60 1.48 25.77
CA ALA B 108 -2.72 0.20 25.06
C ALA B 108 -3.37 0.39 23.70
N TRP B 109 -4.42 1.21 23.63
CA TRP B 109 -5.10 1.45 22.36
C TRP B 109 -4.25 2.25 21.40
N MET B 110 -3.48 3.21 21.93
CA MET B 110 -2.53 3.96 21.11
C MET B 110 -1.42 3.06 20.59
N LEU B 111 -0.93 2.15 21.43
CA LEU B 111 0.11 1.21 21.03
C LEU B 111 -0.39 0.26 19.93
N MET B 112 -1.61 -0.25 20.06
CA MET B 112 -2.13 -1.16 19.05
C MET B 112 -2.51 -0.45 17.75
N THR B 113 -3.02 0.79 17.82
CA THR B 113 -3.31 1.54 16.60
C THR B 113 -2.04 1.92 15.86
N LEU B 114 -0.98 2.27 16.59
CA LEU B 114 0.29 2.55 15.91
C LEU B 114 0.96 1.28 15.40
N ARG B 115 0.70 0.13 16.03
CA ARG B 115 1.16 -1.14 15.47
C ARG B 115 0.47 -1.44 14.14
N GLY B 116 -0.84 -1.20 14.07
CA GLY B 116 -1.55 -1.37 12.81
C GLY B 116 -1.13 -0.37 11.74
N VAL B 117 -0.86 0.87 12.14
CA VAL B 117 -0.41 1.90 11.21
C VAL B 117 0.99 1.58 10.69
N TYR B 118 1.86 1.03 11.55
CA TYR B 118 3.18 0.62 11.09
C TYR B 118 3.13 -0.62 10.20
N HIS B 119 2.18 -1.52 10.43
CA HIS B 119 2.02 -2.65 9.52
C HIS B 119 1.47 -2.21 8.17
N CYS B 120 0.63 -1.16 8.14
CA CYS B 120 0.22 -0.59 6.87
C CYS B 120 1.38 0.12 6.19
N HIS B 121 2.24 0.78 6.97
CA HIS B 121 3.33 1.58 6.43
C HIS B 121 4.46 0.71 5.87
N ARG B 122 4.76 -0.40 6.53
CA ARG B 122 5.84 -1.25 6.04
C ARG B 122 5.40 -2.15 4.89
N ASN B 123 4.11 -2.23 4.61
CA ASN B 123 3.62 -2.79 3.35
C ASN B 123 3.54 -1.74 2.26
N PHE B 124 3.91 -0.49 2.57
CA PHE B 124 3.87 0.68 1.67
C PHE B 124 2.47 0.92 1.11
N ILE B 125 1.49 0.90 2.02
CA ILE B 125 0.09 1.12 1.73
C ILE B 125 -0.37 2.26 2.62
N LEU B 126 -1.06 3.25 2.03
CA LEU B 126 -1.33 4.51 2.73
C LEU B 126 -2.38 4.34 3.83
N HIS B 127 -3.60 3.92 3.45
CA HIS B 127 -4.80 3.88 4.30
C HIS B 127 -5.11 5.28 4.86
N ARG B 128 -5.58 6.12 3.94
CA ARG B 128 -5.88 7.52 4.21
C ARG B 128 -7.31 7.76 4.69
N ASP B 129 -7.91 6.81 5.41
CA ASP B 129 -9.23 7.02 5.97
C ASP B 129 -9.19 6.51 7.41
N LEU B 130 -8.80 7.38 8.34
CA LEU B 130 -8.61 7.02 9.75
C LEU B 130 -9.55 7.87 10.60
N LYS B 131 -10.46 7.22 11.30
CA LYS B 131 -11.47 7.83 12.13
C LYS B 131 -11.68 6.93 13.35
N PRO B 132 -12.28 7.44 14.43
CA PRO B 132 -12.73 6.53 15.49
C PRO B 132 -13.84 5.60 15.07
N ASN B 133 -14.62 5.93 14.04
CA ASN B 133 -15.54 4.99 13.44
C ASN B 133 -14.88 4.09 12.41
N ASN B 134 -13.58 4.29 12.14
CA ASN B 134 -12.78 3.36 11.37
C ASN B 134 -11.98 2.41 12.26
N LEU B 135 -11.59 2.84 13.44
CA LEU B 135 -10.88 2.00 14.40
C LEU B 135 -11.92 1.27 15.24
N LEU B 136 -11.92 -0.05 15.16
CA LEU B 136 -12.94 -0.84 15.84
C LEU B 136 -12.28 -1.89 16.73
N PHE B 137 -12.95 -2.19 17.83
CA PHE B 137 -12.43 -3.10 18.85
C PHE B 137 -12.82 -4.53 18.51
N SER B 138 -12.66 -5.43 19.47
CA SER B 138 -12.89 -6.86 19.29
C SER B 138 -13.42 -7.43 20.61
N PRO B 139 -13.92 -8.68 20.64
CA PRO B 139 -14.27 -9.29 21.93
C PRO B 139 -13.12 -9.44 22.92
N ASP B 140 -11.89 -9.62 22.46
CA ASP B 140 -10.75 -9.57 23.35
C ASP B 140 -10.16 -8.16 23.49
N GLY B 141 -10.80 -7.17 22.88
CA GLY B 141 -10.45 -5.78 23.11
C GLY B 141 -9.31 -5.24 22.28
N GLN B 142 -8.76 -6.01 21.36
CA GLN B 142 -7.70 -5.53 20.48
C GLN B 142 -8.33 -4.62 19.43
N ILE B 143 -7.89 -3.37 19.38
CA ILE B 143 -8.43 -2.42 18.42
C ILE B 143 -7.84 -2.71 17.04
N LYS B 144 -8.67 -2.59 16.01
CA LYS B 144 -8.32 -2.97 14.66
C LYS B 144 -8.32 -1.74 13.77
N VAL B 145 -7.60 -1.84 12.65
CA VAL B 145 -7.56 -0.78 11.64
C VAL B 145 -8.20 -1.36 10.38
N ALA B 146 -9.27 -0.72 9.91
CA ALA B 146 -10.06 -1.29 8.82
C ALA B 146 -10.61 -0.16 7.96
N ASP B 147 -11.52 -0.55 7.06
CA ASP B 147 -12.23 0.32 6.11
C ASP B 147 -11.23 1.06 5.21
N PHE B 148 -10.60 0.28 4.35
CA PHE B 148 -9.57 0.77 3.44
C PHE B 148 -10.16 1.36 2.16
N GLY B 149 -11.16 2.23 2.28
CA GLY B 149 -11.93 2.66 1.13
C GLY B 149 -11.24 3.65 0.23
N LEU B 150 -10.34 4.46 0.78
CA LEU B 150 -9.58 5.43 0.01
C LEU B 150 -8.09 5.19 0.20
N ALA B 151 -7.70 3.93 0.39
CA ALA B 151 -6.31 3.56 0.52
C ALA B 151 -5.63 3.54 -0.85
N ARG B 152 -4.32 3.59 -0.83
CA ARG B 152 -3.52 3.56 -2.06
C ARG B 152 -2.13 3.04 -1.71
N ALA B 153 -1.53 2.31 -2.64
CA ALA B 153 -0.12 1.97 -2.51
C ALA B 153 0.72 3.23 -2.69
N ILE B 154 1.86 3.25 -2.01
CA ILE B 154 2.77 4.38 -2.15
C ILE B 154 3.42 4.27 -3.51
N PRO B 155 3.12 5.19 -4.42
CA PRO B 155 3.50 5.01 -5.83
C PRO B 155 4.92 5.46 -6.11
N ALA B 156 5.25 5.53 -7.40
CA ALA B 156 6.44 6.22 -7.84
C ALA B 156 6.32 7.72 -7.50
N PRO B 157 7.45 8.38 -7.21
CA PRO B 157 7.39 9.80 -6.81
C PRO B 157 6.91 10.77 -7.90
N HIS B 158 6.91 10.37 -9.15
CA HIS B 158 6.43 11.24 -10.23
C HIS B 158 4.93 11.11 -10.48
N GLU B 159 4.22 10.29 -9.70
CA GLU B 159 2.82 10.05 -9.94
C GLU B 159 1.95 10.99 -9.10
N ILE B 160 0.97 11.60 -9.76
CA ILE B 160 0.08 12.57 -9.12
C ILE B 160 -1.01 11.83 -8.37
N LEU B 161 -1.21 12.17 -7.10
CA LEU B 161 -2.26 11.56 -6.29
C LEU B 161 -3.45 12.50 -6.19
N SER B 163 -6.52 14.67 -3.74
CA SER B 163 -6.44 15.72 -2.73
C SER B 163 -7.27 15.38 -1.49
N ASN B 164 -8.59 15.57 -1.60
CA ASN B 164 -9.50 15.33 -0.48
C ASN B 164 -9.68 13.82 -0.31
N VAL B 165 -8.81 13.23 0.49
CA VAL B 165 -8.79 11.78 0.67
C VAL B 165 -9.13 11.34 2.09
N VAL B 166 -9.07 12.23 3.07
CA VAL B 166 -9.34 11.90 4.46
C VAL B 166 -10.39 12.91 4.95
N THR B 167 -11.12 12.54 6.00
CA THR B 167 -12.22 13.34 6.48
C THR B 167 -11.74 14.63 7.15
N ARG B 168 -12.69 15.51 7.44
CA ARG B 168 -12.41 16.90 7.78
C ARG B 168 -11.77 17.06 9.15
N TRP B 169 -12.26 16.35 10.16
CA TRP B 169 -11.77 16.54 11.52
C TRP B 169 -10.46 15.82 11.77
N TYR B 170 -9.99 15.01 10.83
CA TYR B 170 -8.82 14.17 10.97
C TYR B 170 -7.92 14.33 9.75
N ARG B 171 -7.78 15.57 9.28
CA ARG B 171 -7.09 15.89 8.05
C ARG B 171 -5.71 16.46 8.35
N ALA B 172 -4.69 15.97 7.64
CA ALA B 172 -3.35 16.51 7.75
C ALA B 172 -3.32 17.92 7.15
N PRO B 173 -2.51 18.83 7.72
CA PRO B 173 -2.52 20.22 7.24
C PRO B 173 -1.92 20.42 5.86
N GLU B 174 -1.09 19.49 5.37
CA GLU B 174 -0.69 19.54 3.97
C GLU B 174 -1.85 19.23 3.05
N LEU B 175 -2.81 18.42 3.51
CA LEU B 175 -4.02 18.19 2.75
C LEU B 175 -5.00 19.36 2.84
N LEU B 176 -4.95 20.12 3.94
CA LEU B 176 -5.63 21.42 3.96
C LEU B 176 -5.04 22.37 2.95
N PHE B 177 -3.71 22.42 2.86
CA PHE B 177 -3.04 23.36 1.97
C PHE B 177 -3.14 22.96 0.51
N GLY B 178 -3.39 21.69 0.23
CA GLY B 178 -3.53 21.21 -1.12
C GLY B 178 -2.34 20.45 -1.69
N ALA B 179 -1.70 19.59 -0.91
CA ALA B 179 -0.58 18.80 -1.41
C ALA B 179 -1.10 17.70 -2.33
N LYS B 180 -0.71 17.78 -3.61
CA LYS B 180 -1.25 16.87 -4.60
C LYS B 180 -0.60 15.49 -4.50
N HIS B 181 0.70 15.43 -4.29
CA HIS B 181 1.47 14.19 -4.26
C HIS B 181 2.26 14.12 -2.96
N TYR B 182 1.61 13.57 -1.93
CA TYR B 182 2.10 13.59 -0.57
C TYR B 182 2.83 12.30 -0.22
N THR B 183 3.30 12.23 1.01
CA THR B 183 3.93 11.04 1.57
C THR B 183 2.93 10.35 2.49
N SER B 184 3.41 9.35 3.22
CA SER B 184 2.56 8.56 4.10
C SER B 184 2.59 9.06 5.54
N ALA B 185 3.06 10.28 5.76
CA ALA B 185 3.06 10.90 7.08
C ALA B 185 1.74 11.57 7.41
N ILE B 186 0.77 11.55 6.49
CA ILE B 186 -0.53 12.16 6.73
C ILE B 186 -1.41 11.33 7.65
N ASP B 187 -1.04 10.08 7.91
CA ASP B 187 -1.83 9.17 8.72
C ASP B 187 -1.24 9.00 10.12
N ILE B 188 -0.18 9.73 10.44
CA ILE B 188 0.28 9.85 11.81
C ILE B 188 -0.35 11.05 12.48
N TRP B 189 -0.67 12.09 11.70
CA TRP B 189 -1.43 13.24 12.20
C TRP B 189 -2.82 12.82 12.66
N SER B 190 -3.45 11.92 11.90
CA SER B 190 -4.78 11.44 12.24
C SER B 190 -4.78 10.66 13.54
N VAL B 191 -3.78 9.79 13.76
CA VAL B 191 -3.78 9.00 14.98
C VAL B 191 -3.25 9.83 16.16
N GLY B 192 -2.52 10.91 15.91
CA GLY B 192 -2.29 11.88 16.97
C GLY B 192 -3.55 12.62 17.39
N VAL B 193 -4.43 12.90 16.42
CA VAL B 193 -5.71 13.49 16.79
C VAL B 193 -6.61 12.44 17.47
N ILE B 194 -6.41 11.14 17.16
CA ILE B 194 -7.05 10.06 17.92
C ILE B 194 -6.57 10.05 19.37
N PHE B 195 -5.26 10.27 19.58
CA PHE B 195 -4.69 10.42 20.92
C PHE B 195 -5.33 11.57 21.70
N ALA B 196 -5.42 12.74 21.07
CA ALA B 196 -6.00 13.88 21.77
C ALA B 196 -7.51 13.75 21.96
N GLU B 197 -8.21 13.13 21.00
CA GLU B 197 -9.64 12.87 21.11
C GLU B 197 -9.93 11.83 22.19
N LEU B 198 -9.00 10.89 22.40
CA LEU B 198 -9.15 9.89 23.43
C LEU B 198 -8.88 10.46 24.82
N MET B 199 -7.87 11.31 24.95
CA MET B 199 -7.58 11.87 26.27
C MET B 199 -8.31 13.18 26.55
N LEU B 200 -9.13 13.67 25.62
CA LEU B 200 -9.97 14.82 25.90
C LEU B 200 -11.46 14.53 25.92
N ARG B 201 -11.90 13.38 25.37
CA ARG B 201 -13.30 12.92 25.32
C ARG B 201 -14.21 13.90 24.59
N ILE B 202 -13.66 14.62 23.61
CA ILE B 202 -14.41 15.58 22.80
C ILE B 202 -13.95 15.45 21.36
N PRO B 203 -14.83 15.72 20.40
CA PRO B 203 -14.38 15.87 19.01
C PRO B 203 -13.35 16.97 18.85
N TYR B 204 -12.12 16.56 18.56
CA TYR B 204 -10.99 17.47 18.48
C TYR B 204 -10.96 18.10 17.10
N LEU B 205 -10.73 19.43 17.08
CA LEU B 205 -10.64 20.29 15.89
C LEU B 205 -11.84 20.18 14.95
N PRO B 206 -13.00 20.73 15.30
CA PRO B 206 -14.15 20.64 14.39
C PRO B 206 -14.19 21.79 13.40
N GLY B 207 -14.79 21.52 12.24
CA GLY B 207 -14.94 22.55 11.22
C GLY B 207 -16.39 22.72 10.78
N GLN B 208 -16.72 23.87 10.21
CA GLN B 208 -18.10 24.15 9.83
C GLN B 208 -18.40 23.81 8.37
N ASN B 209 -18.04 22.59 7.95
CA ASN B 209 -18.35 22.00 6.62
C ASN B 209 -17.84 22.87 5.47
N ASP B 210 -16.64 23.42 5.64
CA ASP B 210 -16.11 24.45 4.76
C ASP B 210 -14.58 24.42 4.85
N VAL B 211 -13.95 25.55 4.56
CA VAL B 211 -12.50 25.70 4.61
C VAL B 211 -12.09 26.12 6.02
N ASP B 212 -13.06 26.10 6.95
CA ASP B 212 -12.84 26.59 8.32
C ASP B 212 -11.97 25.65 9.15
N GLN B 213 -11.68 24.45 8.64
CA GLN B 213 -10.74 23.55 9.29
C GLN B 213 -9.33 24.14 9.34
N MET B 214 -8.95 24.89 8.30
CA MET B 214 -7.66 25.56 8.27
C MET B 214 -7.55 26.64 9.35
N GLU B 215 -8.59 27.47 9.51
CA GLU B 215 -8.59 28.47 10.58
C GLU B 215 -8.65 27.85 11.98
N VAL B 216 -9.39 26.75 12.16
CA VAL B 216 -9.40 26.20 13.53
C VAL B 216 -8.10 25.45 13.83
N THR B 217 -7.44 24.89 12.80
CA THR B 217 -6.13 24.26 13.01
C THR B 217 -5.05 25.31 13.28
N PHE B 218 -5.13 26.47 12.60
CA PHE B 218 -4.25 27.59 12.91
C PHE B 218 -4.51 28.16 14.30
N ARG B 219 -5.78 28.17 14.73
CA ARG B 219 -6.13 28.67 16.06
C ARG B 219 -5.69 27.70 17.15
N ALA B 220 -5.67 26.40 16.85
CA ALA B 220 -5.32 25.41 17.86
C ALA B 220 -3.81 25.19 17.96
N LEU B 221 -3.14 24.88 16.85
CA LEU B 221 -1.74 24.48 16.90
C LEU B 221 -0.79 25.44 16.18
N GLY B 222 -1.30 26.39 15.42
CA GLY B 222 -0.43 27.46 14.95
C GLY B 222 -0.24 27.55 13.44
N THR B 223 -0.33 28.78 12.94
CA THR B 223 0.09 29.08 11.57
C THR B 223 1.60 28.94 11.48
N PRO B 224 2.04 27.98 10.64
CA PRO B 224 3.40 27.59 10.32
C PRO B 224 4.13 28.83 9.83
N THR B 225 5.37 29.01 10.28
CA THR B 225 6.17 30.16 9.87
C THR B 225 7.19 29.75 8.80
N ASP B 226 7.75 30.75 8.13
CA ASP B 226 8.74 30.51 7.06
C ASP B 226 10.02 29.84 7.57
N ARG B 227 10.48 30.26 8.75
CA ARG B 227 11.72 29.72 9.32
C ARG B 227 11.67 28.23 9.60
N ASP B 228 10.53 27.75 10.10
CA ASP B 228 10.36 26.34 10.42
C ASP B 228 9.93 24.99 9.83
N TRP B 229 8.78 24.99 9.16
CA TRP B 229 8.29 24.20 8.05
C TRP B 229 8.46 24.98 6.75
N PRO B 230 9.55 24.77 5.96
CA PRO B 230 9.76 25.58 4.76
C PRO B 230 8.84 25.15 3.62
N GLU B 231 8.79 26.02 2.60
CA GLU B 231 8.01 25.84 1.36
C GLU B 231 6.51 25.68 1.61
N VAL B 232 6.00 26.28 2.69
CA VAL B 232 4.57 26.27 2.95
C VAL B 232 3.84 27.31 2.12
N SER B 233 4.57 28.26 1.54
CA SER B 233 4.00 29.31 0.71
C SER B 233 3.83 28.92 -0.74
N SER B 234 4.06 27.65 -1.07
CA SER B 234 3.94 27.15 -2.44
C SER B 234 2.65 26.38 -2.65
N PHE B 235 1.57 26.81 -2.00
CA PHE B 235 0.28 26.16 -2.12
C PHE B 235 -0.84 27.07 -2.63
N MET B 236 -0.57 28.38 -2.77
CA MET B 236 -1.54 29.43 -3.18
C MET B 236 -2.69 29.48 -2.16
N THR B 237 -2.36 29.20 -0.89
CA THR B 237 -3.30 29.29 0.22
C THR B 237 -2.70 29.97 1.44
N TYR B 238 -1.37 29.98 1.59
CA TYR B 238 -0.70 30.59 2.73
C TYR B 238 -0.79 32.11 2.72
N ASN B 239 -0.94 32.74 1.55
CA ASN B 239 -1.08 34.18 1.47
C ASN B 239 -2.49 34.67 1.78
N LYS B 240 -3.45 33.75 1.93
CA LYS B 240 -4.82 34.16 2.22
C LYS B 240 -4.97 34.63 3.66
N LEU B 241 -4.17 34.07 4.57
CA LEU B 241 -4.32 34.32 5.99
C LEU B 241 -3.06 34.93 6.59
N GLN B 242 -3.14 35.27 7.87
CA GLN B 242 -2.05 35.84 8.65
C GLN B 242 -1.58 34.84 9.70
N ILE B 243 -0.55 35.22 10.44
CA ILE B 243 0.10 34.31 11.39
C ILE B 243 -0.64 34.30 12.71
N TYR B 244 -0.57 33.17 13.40
CA TYR B 244 -1.10 32.90 14.73
C TYR B 244 0.02 32.38 15.63
N PRO B 245 -0.02 32.65 16.93
CA PRO B 245 1.04 32.15 17.82
C PRO B 245 0.93 30.66 18.06
N PRO B 246 2.03 29.92 17.92
CA PRO B 246 2.03 28.52 18.32
C PRO B 246 1.95 28.39 19.83
N PRO B 247 1.38 27.30 20.34
CA PRO B 247 1.24 27.17 21.81
C PRO B 247 2.57 26.80 22.47
N SER B 248 2.81 27.41 23.62
CA SER B 248 4.00 27.15 24.41
C SER B 248 3.72 25.99 25.37
N ARG B 249 4.61 25.77 26.34
CA ARG B 249 4.45 24.68 27.30
C ARG B 249 3.64 25.09 28.52
N ASP B 250 2.87 26.18 28.43
CA ASP B 250 1.81 26.48 29.39
C ASP B 250 0.55 25.68 29.10
N GLU B 251 0.52 24.95 27.99
CA GLU B 251 -0.50 23.96 27.65
C GLU B 251 -0.39 22.67 28.45
N LEU B 252 0.67 22.51 29.25
CA LEU B 252 0.85 21.30 30.05
C LEU B 252 -0.24 21.17 31.12
N ARG B 253 -0.60 22.28 31.77
CA ARG B 253 -1.65 22.25 32.79
C ARG B 253 -3.00 22.59 32.17
N LYS B 254 -3.12 23.81 31.64
CA LYS B 254 -4.36 24.29 31.04
C LYS B 254 -4.62 23.54 29.74
N ARG B 255 -5.89 23.10 29.58
CA ARG B 255 -6.59 22.42 28.47
C ARG B 255 -6.07 21.00 28.23
N PHE B 256 -5.06 20.57 28.98
CA PHE B 256 -4.48 19.25 28.82
C PHE B 256 -3.99 18.73 30.18
N ILE B 257 -4.73 19.06 31.25
CA ILE B 257 -4.29 18.73 32.61
C ILE B 257 -4.35 17.23 32.92
N ALA B 258 -5.09 16.45 32.14
CA ALA B 258 -5.17 15.00 32.36
C ALA B 258 -4.19 14.34 31.40
N ALA B 259 -2.90 14.46 31.70
CA ALA B 259 -1.85 13.96 30.83
C ALA B 259 -0.58 13.78 31.64
N SER B 260 0.36 13.01 31.07
CA SER B 260 1.63 12.73 31.71
C SER B 260 2.73 13.59 31.09
N GLU B 261 3.95 13.40 31.58
CA GLU B 261 5.08 14.19 31.09
C GLU B 261 5.54 13.74 29.71
N TYR B 262 5.57 12.42 29.48
CA TYR B 262 6.02 11.88 28.21
C TYR B 262 4.92 11.77 27.17
N ALA B 263 3.67 12.03 27.53
CA ALA B 263 2.59 12.00 26.55
C ALA B 263 2.64 13.22 25.65
N LEU B 264 2.95 14.39 26.22
CA LEU B 264 3.02 15.62 25.43
C LEU B 264 4.20 15.63 24.48
N ASP B 265 5.27 14.88 24.80
CA ASP B 265 6.44 14.86 23.93
C ASP B 265 6.13 14.17 22.59
N PHE B 266 5.56 12.98 22.63
CA PHE B 266 5.22 12.33 21.37
C PHE B 266 3.89 12.80 20.81
N MET B 267 3.05 13.47 21.61
CA MET B 267 1.90 14.16 21.04
C MET B 267 2.33 15.38 20.23
N CYS B 268 3.28 16.16 20.74
CA CYS B 268 3.80 17.31 20.00
C CYS B 268 4.67 16.86 18.84
N GLY B 269 5.33 15.70 18.97
CA GLY B 269 6.03 15.12 17.84
C GLY B 269 5.12 14.47 16.82
N MET B 270 3.90 14.13 17.22
CA MET B 270 2.90 13.57 16.31
C MET B 270 2.03 14.63 15.67
N LEU B 271 1.81 15.74 16.38
CA LEU B 271 1.12 16.90 15.83
C LEU B 271 2.09 17.96 15.33
N THR B 272 3.27 17.55 14.86
CA THR B 272 4.09 18.43 14.05
C THR B 272 3.35 18.74 12.77
N MET B 273 3.33 20.01 12.40
CA MET B 273 2.75 20.37 11.12
C MET B 273 3.77 20.23 10.01
N ASN B 274 5.05 20.12 10.37
CA ASN B 274 6.10 19.68 9.46
C ASN B 274 5.87 18.21 9.10
N PRO B 275 5.73 17.87 7.82
CA PRO B 275 5.57 16.45 7.45
C PRO B 275 6.89 15.71 7.28
N GLN B 276 7.95 16.43 6.92
CA GLN B 276 9.27 15.80 6.82
C GLN B 276 9.83 15.46 8.20
N LYS B 277 9.64 16.35 9.16
CA LYS B 277 10.07 16.12 10.53
C LYS B 277 9.01 15.44 11.38
N ARG B 278 7.92 14.98 10.77
CA ARG B 278 6.92 14.22 11.52
C ARG B 278 7.44 12.85 11.87
N TRP B 279 7.14 12.43 13.10
CA TRP B 279 7.67 11.18 13.61
C TRP B 279 6.94 10.02 12.97
N THR B 280 7.69 9.21 12.22
CA THR B 280 7.16 7.99 11.65
C THR B 280 6.95 6.94 12.74
N ALA B 281 6.20 5.88 12.40
CA ALA B 281 5.79 4.91 13.40
C ALA B 281 6.95 4.06 13.92
N VAL B 282 8.03 3.95 13.14
CA VAL B 282 9.22 3.25 13.61
C VAL B 282 9.93 4.02 14.71
N GLN B 283 9.72 5.34 14.80
CA GLN B 283 10.18 6.13 15.92
C GLN B 283 9.03 6.66 16.77
N CYS B 284 7.82 6.13 16.60
CA CYS B 284 6.74 6.32 17.55
C CYS B 284 6.48 5.10 18.43
N LEU B 285 6.83 3.90 17.96
CA LEU B 285 6.72 2.72 18.81
C LEU B 285 7.82 2.61 19.85
N GLU B 286 8.88 3.42 19.74
CA GLU B 286 9.97 3.42 20.70
C GLU B 286 10.29 4.84 21.16
N SER B 287 9.24 5.64 21.38
CA SER B 287 9.40 7.04 21.75
C SER B 287 9.38 7.27 23.25
N ASP B 288 9.83 6.26 24.03
CA ASP B 288 10.00 6.25 25.50
C ASP B 288 8.76 6.69 26.30
N TYR B 289 7.57 6.59 25.71
CA TYR B 289 6.32 6.89 26.40
C TYR B 289 5.67 5.63 26.94
N PHE B 290 5.79 4.52 26.22
CA PHE B 290 5.35 3.23 26.74
C PHE B 290 6.31 2.68 27.78
N LYS B 291 7.56 3.17 27.81
CA LYS B 291 8.51 2.72 28.81
C LYS B 291 8.21 3.29 30.19
N GLU B 292 7.48 4.41 30.26
CA GLU B 292 7.12 4.99 31.54
C GLU B 292 6.03 4.14 32.21
N LEU B 293 6.08 4.08 33.54
CA LEU B 293 5.06 3.40 34.32
C LEU B 293 3.74 4.15 34.22
N PRO B 294 2.59 3.45 34.28
CA PRO B 294 2.32 2.02 34.42
C PRO B 294 2.34 1.23 33.11
N PRO B 295 2.54 -0.09 33.16
CA PRO B 295 2.38 -0.91 31.96
C PRO B 295 0.92 -1.06 31.61
N PRO B 296 0.58 -1.10 30.32
CA PRO B 296 -0.81 -1.25 29.91
C PRO B 296 -1.26 -2.71 29.94
N SER B 297 -2.57 -2.89 29.82
CA SER B 297 -3.16 -4.23 29.82
C SER B 297 -4.47 -4.19 29.06
N ASP B 298 -4.65 -5.15 28.14
CA ASP B 298 -5.88 -5.24 27.35
C ASP B 298 -7.23 -5.55 28.03
N PRO B 299 -7.38 -6.05 29.32
CA PRO B 299 -8.74 -6.03 29.88
C PRO B 299 -9.18 -4.62 30.26
N SER B 300 -10.06 -4.03 29.46
CA SER B 300 -10.60 -2.72 29.75
C SER B 300 -12.13 -2.80 29.84
N SER B 301 -12.70 -2.00 30.73
CA SER B 301 -14.14 -2.04 30.99
C SER B 301 -14.86 -1.28 29.88
N ILE B 302 -15.05 -1.97 28.76
CA ILE B 302 -15.78 -1.44 27.61
C ILE B 302 -16.95 -2.37 27.31
N LYS B 303 -18.14 -1.81 27.24
CA LYS B 303 -19.34 -2.59 26.95
C LYS B 303 -19.41 -2.98 25.47
N TYR C 49 7.17 -11.20 2.46
CA TYR C 49 6.68 -11.59 1.16
C TYR C 49 5.70 -12.74 1.27
N ARG C 50 5.82 -13.56 2.30
CA ARG C 50 4.93 -14.70 2.49
C ARG C 50 3.53 -14.27 2.88
N HIS C 51 3.37 -13.07 3.42
CA HIS C 51 2.06 -12.52 3.70
C HIS C 51 1.39 -11.91 2.47
N SER C 52 2.14 -11.71 1.38
CA SER C 52 1.58 -11.10 0.18
C SER C 52 0.72 -12.11 -0.57
N SER C 53 -0.13 -11.56 -1.46
CA SER C 53 -1.09 -12.39 -2.18
C SER C 53 -0.41 -13.18 -3.31
N GLN C 54 0.73 -12.69 -3.81
CA GLN C 54 1.42 -13.39 -4.88
C GLN C 54 2.16 -14.63 -4.40
N TYR C 55 2.55 -14.68 -3.13
CA TYR C 55 3.27 -15.85 -2.65
C TYR C 55 2.31 -16.96 -2.21
N ARG C 56 1.30 -16.61 -1.41
CA ARG C 56 0.56 -17.64 -0.69
C ARG C 56 -0.40 -18.42 -1.59
N MET C 57 -0.81 -17.86 -2.72
CA MET C 57 -1.70 -18.63 -3.58
C MET C 57 -1.45 -18.51 -5.08
N TRP C 58 -0.50 -17.68 -5.57
CA TRP C 58 -0.23 -17.80 -6.99
C TRP C 58 1.25 -17.96 -7.33
N SER C 59 2.09 -18.38 -6.39
CA SER C 59 3.48 -18.72 -6.70
C SER C 59 3.61 -20.23 -6.75
N TYR C 60 4.20 -20.73 -7.83
CA TYR C 60 4.14 -22.15 -8.15
C TYR C 60 5.55 -22.69 -8.35
N THR C 61 5.62 -24.00 -8.57
CA THR C 61 6.81 -24.69 -9.02
C THR C 61 6.58 -25.22 -10.43
N LYS C 62 7.55 -25.96 -10.96
CA LYS C 62 7.40 -26.48 -12.31
C LYS C 62 6.41 -27.62 -12.38
N ASP C 63 6.40 -28.52 -11.38
CA ASP C 63 5.45 -29.62 -11.37
C ASP C 63 4.06 -29.14 -11.04
N GLN C 64 3.94 -28.18 -10.11
CA GLN C 64 2.64 -27.63 -9.75
C GLN C 64 2.06 -26.78 -10.88
N LEU C 65 2.91 -26.06 -11.61
CA LEU C 65 2.42 -25.23 -12.70
C LEU C 65 2.03 -26.07 -13.91
N GLN C 66 2.81 -27.12 -14.21
CA GLN C 66 2.41 -28.03 -15.28
C GLN C 66 1.17 -28.83 -14.92
N GLU C 67 1.01 -29.15 -13.63
CA GLU C 67 -0.24 -29.76 -13.16
C GLU C 67 -1.41 -28.80 -13.30
N LYS C 68 -1.18 -27.50 -13.08
CA LYS C 68 -2.22 -26.50 -13.28
C LYS C 68 -2.63 -26.38 -14.74
N ARG C 69 -1.64 -26.43 -15.66
CA ARG C 69 -1.95 -26.43 -17.10
C ARG C 69 -2.73 -27.67 -17.51
N VAL C 70 -2.34 -28.85 -17.02
CA VAL C 70 -3.08 -30.04 -17.43
C VAL C 70 -4.42 -30.19 -16.70
N ASP C 71 -4.63 -29.53 -15.55
CA ASP C 71 -5.98 -29.59 -15.00
C ASP C 71 -6.90 -28.55 -15.61
N THR C 72 -6.39 -27.39 -16.04
CA THR C 72 -7.28 -26.48 -16.76
C THR C 72 -7.49 -26.91 -18.20
N ASN C 73 -6.64 -27.79 -18.74
CA ASN C 73 -6.93 -28.44 -20.00
C ASN C 73 -7.70 -29.75 -19.82
N ALA C 74 -7.78 -30.26 -18.59
CA ALA C 74 -8.54 -31.48 -18.33
C ALA C 74 -9.96 -31.19 -17.86
N ARG C 75 -10.17 -30.06 -17.17
CA ARG C 75 -11.52 -29.66 -16.78
C ARG C 75 -12.26 -28.93 -17.89
N ALA C 76 -11.57 -28.59 -18.98
CA ALA C 76 -12.17 -27.86 -20.08
C ALA C 76 -12.06 -28.65 -21.38
N MET C 110 -4.60 -28.74 -26.60
CA MET C 110 -4.04 -28.90 -25.26
C MET C 110 -2.61 -28.38 -25.16
N GLU C 111 -1.93 -28.22 -26.31
CA GLU C 111 -0.64 -27.56 -26.37
C GLU C 111 -0.65 -26.30 -27.22
N GLU C 112 -1.68 -26.12 -28.06
CA GLU C 112 -1.84 -24.90 -28.84
C GLU C 112 -2.37 -23.75 -27.98
N GLU C 113 -2.94 -24.07 -26.82
CA GLU C 113 -3.44 -23.04 -25.92
C GLU C 113 -2.32 -22.20 -25.32
N LEU C 114 -1.15 -22.79 -25.06
CA LEU C 114 -0.09 -22.05 -24.39
C LEU C 114 0.57 -21.04 -25.32
N ASP C 115 0.89 -21.44 -26.57
CA ASP C 115 1.42 -20.42 -27.46
C ASP C 115 0.33 -19.52 -28.04
N LEU C 116 -0.94 -19.95 -27.98
CA LEU C 116 -2.04 -19.05 -28.29
C LEU C 116 -2.17 -17.94 -27.26
N VAL C 117 -2.05 -18.27 -25.97
CA VAL C 117 -2.19 -17.23 -24.95
C VAL C 117 -0.90 -16.40 -24.88
N ASN C 118 0.25 -16.96 -25.28
CA ASN C 118 1.45 -16.13 -25.42
C ASN C 118 1.33 -15.16 -26.60
N PHE C 119 0.70 -15.59 -27.70
CA PHE C 119 0.48 -14.69 -28.84
C PHE C 119 -0.50 -13.58 -28.49
N TYR C 120 -1.60 -13.91 -27.80
CA TYR C 120 -2.53 -12.86 -27.38
C TYR C 120 -1.98 -12.02 -26.24
N ALA C 121 -1.03 -12.55 -25.46
CA ALA C 121 -0.32 -11.73 -24.48
C ALA C 121 0.60 -10.73 -25.17
N LYS C 122 1.22 -11.14 -26.27
CA LYS C 122 1.99 -10.20 -27.10
C LYS C 122 1.07 -9.15 -27.71
N LYS C 123 -0.14 -9.55 -28.11
CA LYS C 123 -1.13 -8.62 -28.64
C LYS C 123 -1.57 -7.60 -27.61
N VAL C 124 -1.85 -8.04 -26.38
CA VAL C 124 -2.30 -7.10 -25.36
C VAL C 124 -1.14 -6.24 -24.87
N GLN C 125 0.10 -6.75 -24.96
CA GLN C 125 1.28 -5.94 -24.65
C GLN C 125 1.47 -4.83 -25.68
N VAL C 126 1.33 -5.14 -26.97
CA VAL C 126 1.57 -4.10 -27.97
C VAL C 126 0.40 -3.12 -28.05
N ILE C 127 -0.83 -3.55 -27.75
CA ILE C 127 -1.90 -2.55 -27.75
C ILE C 127 -1.97 -1.77 -26.44
N ALA C 128 -1.40 -2.29 -25.35
CA ALA C 128 -1.27 -1.49 -24.15
C ALA C 128 -0.13 -0.49 -24.27
N GLN C 129 0.95 -0.87 -24.95
CA GLN C 129 2.02 0.09 -25.23
C GLN C 129 1.64 1.06 -26.34
N HIS C 130 0.65 0.70 -27.16
CA HIS C 130 0.22 1.59 -28.24
C HIS C 130 -0.52 2.81 -27.72
N LEU C 131 -1.31 2.65 -26.66
CA LEU C 131 -2.18 3.71 -26.16
C LEU C 131 -1.57 4.47 -24.98
N ASN C 132 -0.24 4.58 -24.96
CA ASN C 132 0.55 5.48 -24.11
C ASN C 132 0.33 5.23 -22.62
N LEU C 133 0.70 4.03 -22.20
CA LEU C 133 0.59 3.62 -20.82
C LEU C 133 1.98 3.48 -20.19
N PRO C 134 2.08 3.65 -18.86
CA PRO C 134 3.34 3.35 -18.18
C PRO C 134 3.66 1.86 -18.19
N THR C 135 4.92 1.56 -17.87
CA THR C 135 5.38 0.17 -17.86
C THR C 135 4.84 -0.62 -16.69
N GLU C 136 4.37 0.05 -15.63
CA GLU C 136 3.79 -0.65 -14.49
C GLU C 136 2.44 -1.25 -14.84
N VAL C 137 1.60 -0.49 -15.53
CA VAL C 137 0.23 -0.95 -15.80
C VAL C 137 0.21 -1.94 -16.96
N VAL C 138 1.21 -1.89 -17.84
CA VAL C 138 1.38 -2.88 -18.90
C VAL C 138 1.71 -4.23 -18.30
N ALA C 139 2.59 -4.24 -17.29
CA ALA C 139 2.98 -5.46 -16.58
C ALA C 139 1.81 -6.07 -15.83
N THR C 140 1.00 -5.23 -15.18
CA THR C 140 -0.19 -5.73 -14.49
C THR C 140 -1.23 -6.24 -15.46
N ALA C 141 -1.36 -5.62 -16.65
CA ALA C 141 -2.29 -6.11 -17.65
C ALA C 141 -1.87 -7.47 -18.20
N ILE C 142 -0.57 -7.64 -18.45
CA ILE C 142 -0.04 -8.94 -18.91
C ILE C 142 -0.24 -10.01 -17.85
N SER C 143 0.01 -9.65 -16.57
CA SER C 143 -0.17 -10.60 -15.50
C SER C 143 -1.64 -10.94 -15.27
N PHE C 144 -2.53 -9.97 -15.40
CA PHE C 144 -3.96 -10.24 -15.23
C PHE C 144 -4.49 -11.13 -16.35
N PHE C 145 -4.02 -10.91 -17.58
CA PHE C 145 -4.43 -11.75 -18.71
C PHE C 145 -3.92 -13.17 -18.56
N ARG C 146 -2.65 -13.33 -18.20
CA ARG C 146 -2.07 -14.66 -18.03
C ARG C 146 -2.65 -15.39 -16.82
N ARG C 147 -2.90 -14.67 -15.72
CA ARG C 147 -3.55 -15.28 -14.57
C ARG C 147 -5.01 -15.59 -14.80
N PHE C 148 -5.69 -14.85 -15.70
CA PHE C 148 -7.02 -15.27 -16.12
C PHE C 148 -6.97 -16.57 -16.90
N PHE C 149 -5.99 -16.73 -17.78
CA PHE C 149 -6.02 -17.93 -18.61
C PHE C 149 -5.27 -19.11 -18.01
N LEU C 150 -4.80 -19.00 -16.77
CA LEU C 150 -4.36 -20.19 -16.06
C LEU C 150 -5.52 -20.99 -15.51
N GLU C 151 -6.63 -20.33 -15.15
CA GLU C 151 -7.77 -21.01 -14.57
C GLU C 151 -8.87 -21.32 -15.58
N ASN C 152 -8.86 -20.68 -16.74
CA ASN C 152 -9.82 -20.93 -17.80
C ASN C 152 -9.07 -21.13 -19.12
N SER C 153 -9.66 -21.90 -20.01
CA SER C 153 -9.05 -22.15 -21.31
C SER C 153 -9.56 -21.16 -22.34
N VAL C 154 -8.96 -21.19 -23.52
CA VAL C 154 -9.24 -20.19 -24.54
C VAL C 154 -10.47 -20.49 -25.37
N MET C 155 -11.14 -21.61 -25.13
CA MET C 155 -12.29 -21.95 -25.96
C MET C 155 -13.61 -21.61 -25.30
N GLN C 156 -13.77 -21.89 -24.00
CA GLN C 156 -15.02 -21.53 -23.35
C GLN C 156 -15.06 -20.07 -22.93
N ILE C 157 -13.93 -19.39 -22.90
CA ILE C 157 -13.87 -17.93 -22.93
C ILE C 157 -12.91 -17.53 -24.05
N ASP C 158 -13.41 -16.77 -25.02
CA ASP C 158 -12.60 -16.40 -26.18
C ASP C 158 -11.56 -15.35 -25.79
N PRO C 159 -10.32 -15.48 -26.26
CA PRO C 159 -9.26 -14.56 -25.81
C PRO C 159 -9.25 -13.21 -26.53
N LYS C 160 -10.07 -13.06 -27.56
CA LYS C 160 -10.11 -11.81 -28.32
C LYS C 160 -10.92 -10.73 -27.62
N SER C 161 -11.67 -11.08 -26.57
CA SER C 161 -12.45 -10.11 -25.82
C SER C 161 -11.88 -9.82 -24.44
N ILE C 162 -11.04 -10.71 -23.89
CA ILE C 162 -10.39 -10.48 -22.61
C ILE C 162 -9.33 -9.39 -22.72
N VAL C 163 -8.71 -9.26 -23.90
CA VAL C 163 -7.58 -8.35 -24.11
C VAL C 163 -7.92 -6.88 -23.99
N HIS C 164 -9.20 -6.50 -24.03
CA HIS C 164 -9.57 -5.13 -23.77
C HIS C 164 -10.06 -4.90 -22.35
N THR C 165 -10.50 -5.97 -21.67
CA THR C 165 -10.94 -5.85 -20.29
C THR C 165 -9.77 -5.77 -19.31
N THR C 166 -8.67 -6.46 -19.61
CA THR C 166 -7.53 -6.51 -18.68
C THR C 166 -6.81 -5.18 -18.58
N ILE C 167 -6.75 -4.42 -19.67
CA ILE C 167 -6.20 -3.06 -19.62
C ILE C 167 -7.09 -2.16 -18.76
N PHE C 168 -8.41 -2.37 -18.84
CA PHE C 168 -9.34 -1.58 -18.03
C PHE C 168 -9.21 -1.89 -16.54
N LEU C 169 -9.14 -3.18 -16.18
CA LEU C 169 -8.98 -3.51 -14.78
C LEU C 169 -7.57 -3.21 -14.27
N ALA C 170 -6.56 -3.18 -15.16
CA ALA C 170 -5.23 -2.79 -14.75
C ALA C 170 -5.13 -1.29 -14.52
N CYS C 171 -5.77 -0.48 -15.36
CA CYS C 171 -5.68 0.96 -15.17
C CYS C 171 -6.58 1.43 -14.04
N LYS C 172 -7.70 0.74 -13.80
CA LYS C 172 -8.51 1.02 -12.62
C LYS C 172 -7.94 0.35 -11.38
N SER C 173 -6.98 -0.55 -11.53
CA SER C 173 -6.36 -1.22 -10.39
C SER C 173 -5.43 -0.28 -9.64
N GLU C 174 -4.42 0.27 -10.31
CA GLU C 174 -3.41 1.09 -9.66
C GLU C 174 -3.46 2.54 -10.12
N ASN C 175 -4.69 2.93 -10.16
CA ASN C 175 -5.06 4.24 -10.37
C ASN C 175 -4.58 4.89 -11.59
N TYR C 176 -4.74 4.25 -12.74
CA TYR C 176 -4.36 4.99 -13.91
C TYR C 176 -5.29 6.20 -14.13
N PHE C 177 -6.57 5.95 -13.92
CA PHE C 177 -7.69 6.83 -14.14
C PHE C 177 -8.28 7.25 -15.42
N ILE C 178 -8.30 6.32 -16.31
CA ILE C 178 -9.01 6.48 -17.53
C ILE C 178 -10.48 6.24 -17.22
N SER C 179 -11.38 6.88 -17.97
CA SER C 179 -12.83 6.69 -17.83
C SER C 179 -13.31 5.55 -18.69
N VAL C 180 -14.59 5.24 -18.75
CA VAL C 180 -14.93 4.09 -19.59
C VAL C 180 -15.07 4.52 -21.04
N ASP C 181 -15.71 5.67 -21.28
CA ASP C 181 -15.93 6.13 -22.64
C ASP C 181 -14.65 6.68 -23.26
N SER C 182 -13.76 7.27 -22.46
CA SER C 182 -12.46 7.70 -22.97
C SER C 182 -11.58 6.50 -23.29
N PHE C 183 -11.74 5.40 -22.55
CA PHE C 183 -11.05 4.16 -22.90
C PHE C 183 -11.65 3.52 -24.14
N ALA C 184 -12.96 3.69 -24.34
CA ALA C 184 -13.63 3.07 -25.49
C ALA C 184 -13.32 3.81 -26.78
N GLN C 185 -13.21 5.15 -26.73
CA GLN C 185 -12.90 5.91 -27.93
C GLN C 185 -11.43 5.80 -28.33
N LYS C 186 -10.55 5.46 -27.39
CA LYS C 186 -9.15 5.21 -27.71
C LYS C 186 -8.90 3.78 -28.16
N ALA C 187 -9.89 2.91 -28.04
CA ALA C 187 -9.79 1.51 -28.42
C ALA C 187 -10.84 1.18 -29.47
N LYS C 188 -10.97 -0.11 -29.77
CA LYS C 188 -12.00 -0.61 -30.67
C LYS C 188 -13.20 -1.15 -29.91
N SER C 189 -13.54 -0.51 -28.80
CA SER C 189 -14.59 -0.98 -27.91
C SER C 189 -15.76 0.00 -27.92
N THR C 190 -16.97 -0.54 -27.74
CA THR C 190 -18.18 0.25 -27.70
C THR C 190 -18.87 0.20 -26.34
N ARG C 191 -18.09 0.24 -25.25
CA ARG C 191 -18.45 0.34 -23.81
C ARG C 191 -19.07 -0.94 -23.26
N ASP C 192 -19.47 -1.89 -24.10
CA ASP C 192 -20.09 -3.12 -23.64
C ASP C 192 -19.06 -4.24 -23.64
N SER C 193 -18.08 -4.16 -24.55
CA SER C 193 -17.09 -5.22 -24.70
C SER C 193 -15.97 -5.14 -23.67
N VAL C 194 -15.93 -4.11 -22.84
CA VAL C 194 -14.94 -4.00 -21.78
C VAL C 194 -15.53 -4.29 -20.40
N LEU C 195 -16.84 -4.47 -20.30
CA LEU C 195 -17.49 -4.61 -19.00
C LEU C 195 -18.21 -5.94 -18.78
N LYS C 196 -18.52 -6.69 -19.84
CA LYS C 196 -19.22 -7.96 -19.60
C LYS C 196 -18.28 -9.05 -19.10
N PHE C 197 -17.02 -9.04 -19.51
CA PHE C 197 -16.04 -10.00 -19.02
C PHE C 197 -15.20 -9.38 -17.91
N GLU C 198 -15.89 -8.97 -16.86
CA GLU C 198 -15.27 -8.25 -15.74
C GLU C 198 -15.49 -8.93 -14.40
N PHE C 199 -16.73 -9.35 -14.12
CA PHE C 199 -17.03 -10.12 -12.92
C PHE C 199 -16.36 -11.48 -12.94
N LYS C 200 -16.42 -12.17 -14.09
CA LYS C 200 -15.85 -13.50 -14.18
C LYS C 200 -14.33 -13.45 -14.24
N LEU C 201 -13.75 -12.33 -14.71
CA LEU C 201 -12.31 -12.20 -14.69
C LEU C 201 -11.79 -12.05 -13.26
N LEU C 202 -12.53 -11.32 -12.43
CA LEU C 202 -12.18 -11.23 -11.02
C LEU C 202 -12.49 -12.51 -10.27
N GLU C 203 -13.49 -13.27 -10.74
CA GLU C 203 -13.79 -14.56 -10.10
C GLU C 203 -12.72 -15.60 -10.40
N SER C 204 -12.29 -15.68 -11.67
CA SER C 204 -11.23 -16.59 -12.05
C SER C 204 -9.85 -16.11 -11.60
N LEU C 205 -9.72 -14.81 -11.35
CA LEU C 205 -8.48 -14.25 -10.82
C LEU C 205 -8.36 -14.46 -9.32
N LYS C 206 -9.48 -14.80 -8.66
CA LYS C 206 -9.76 -14.79 -7.22
C LYS C 206 -9.12 -13.63 -6.46
N PHE C 207 -9.27 -12.42 -7.03
CA PHE C 207 -9.12 -11.13 -6.33
C PHE C 207 -7.71 -10.87 -5.80
N SER C 208 -6.71 -11.46 -6.47
CA SER C 208 -5.31 -11.13 -6.19
C SER C 208 -4.90 -9.97 -7.10
N LEU C 209 -5.47 -8.81 -6.82
CA LEU C 209 -5.47 -7.70 -7.76
C LEU C 209 -4.26 -6.78 -7.58
N LEU C 210 -3.45 -7.01 -6.55
CA LEU C 210 -2.17 -6.33 -6.40
C LEU C 210 -1.05 -7.32 -6.72
N ASN C 211 -0.12 -6.90 -7.58
CA ASN C 211 0.98 -7.73 -8.01
C ASN C 211 2.30 -7.02 -7.76
N HIS C 212 3.33 -7.80 -7.41
CA HIS C 212 4.67 -7.29 -7.22
C HIS C 212 5.47 -7.51 -8.48
N HIS C 213 6.16 -6.47 -8.94
CA HIS C 213 6.78 -6.45 -10.25
C HIS C 213 8.24 -6.06 -10.14
N PRO C 214 9.09 -6.54 -11.07
CA PRO C 214 10.55 -6.34 -10.90
C PRO C 214 11.08 -4.93 -11.13
N TYR C 215 10.23 -3.94 -11.41
CA TYR C 215 10.75 -2.59 -11.69
C TYR C 215 11.21 -1.87 -10.43
N LYS C 216 10.55 -2.11 -9.30
CA LYS C 216 11.08 -1.59 -8.06
C LYS C 216 12.34 -2.33 -7.59
N PRO C 217 12.52 -3.65 -7.81
CA PRO C 217 13.88 -4.20 -7.69
C PRO C 217 14.90 -3.64 -8.67
N LEU C 218 14.50 -3.21 -9.87
CA LEU C 218 15.44 -2.46 -10.73
C LEU C 218 15.85 -1.14 -10.10
N HIS C 219 14.91 -0.41 -9.51
CA HIS C 219 15.31 0.85 -8.89
C HIS C 219 16.02 0.62 -7.55
N GLY C 220 15.88 -0.56 -6.95
CA GLY C 220 16.65 -0.89 -5.77
C GLY C 220 18.07 -1.31 -6.05
N PHE C 221 18.26 -2.20 -7.03
CA PHE C 221 19.58 -2.65 -7.44
C PHE C 221 20.22 -1.71 -8.45
N PHE C 222 19.53 -0.64 -8.84
CA PHE C 222 20.18 0.52 -9.44
C PHE C 222 20.98 1.28 -8.42
N LEU C 223 20.62 1.16 -7.14
CA LEU C 223 21.24 1.95 -6.08
C LEU C 223 22.14 1.11 -5.18
N ASP C 224 21.82 -0.16 -4.99
CA ASP C 224 22.63 -1.02 -4.12
C ASP C 224 23.91 -1.50 -4.79
N ILE C 225 24.01 -1.43 -6.12
CA ILE C 225 25.30 -1.62 -6.78
C ILE C 225 26.26 -0.51 -6.41
N GLN C 226 25.79 0.74 -6.45
CA GLN C 226 26.65 1.89 -6.20
C GLN C 226 27.04 2.02 -4.73
N ASN C 227 26.26 1.47 -3.81
CA ASN C 227 26.58 1.61 -2.39
C ASN C 227 27.70 0.66 -1.97
N VAL C 228 27.71 -0.57 -2.49
CA VAL C 228 28.68 -1.55 -2.04
C VAL C 228 29.93 -1.55 -2.93
N LEU C 229 29.82 -1.05 -4.15
CA LEU C 229 30.92 -1.06 -5.10
C LEU C 229 31.28 0.37 -5.51
N TYR C 230 32.57 0.62 -5.71
CA TYR C 230 33.04 1.92 -6.16
C TYR C 230 34.10 1.84 -7.25
N GLY C 231 34.50 0.65 -7.67
CA GLY C 231 35.57 0.50 -8.65
C GLY C 231 35.16 0.89 -10.05
N LYS C 232 34.20 0.15 -10.61
CA LYS C 232 33.67 0.43 -11.96
C LYS C 232 32.15 0.52 -11.82
N VAL C 233 31.66 1.75 -11.63
CA VAL C 233 30.24 1.99 -11.43
C VAL C 233 29.76 3.06 -12.39
N ASP C 234 28.44 3.08 -12.58
CA ASP C 234 27.52 4.12 -13.05
C ASP C 234 27.94 4.87 -14.31
N LEU C 235 28.86 4.34 -15.12
CA LEU C 235 29.08 4.89 -16.45
C LEU C 235 28.28 4.02 -17.41
N ASN C 236 28.64 2.75 -17.59
CA ASN C 236 27.86 1.88 -18.44
C ASN C 236 26.56 1.45 -17.78
N TYR C 237 26.50 1.53 -16.45
CA TYR C 237 25.35 1.02 -15.74
C TYR C 237 24.20 2.00 -15.80
N MET C 238 24.48 3.29 -16.03
CA MET C 238 23.44 4.19 -16.51
C MET C 238 23.44 4.38 -18.02
N GLY C 239 24.47 3.88 -18.73
CA GLY C 239 24.45 3.98 -20.17
C GLY C 239 23.51 3.00 -20.83
N GLN C 240 23.60 1.72 -20.47
CA GLN C 240 22.94 0.68 -21.25
C GLN C 240 22.31 -0.41 -20.39
N ILE C 241 21.80 -0.08 -19.20
CA ILE C 241 21.15 -1.05 -18.34
C ILE C 241 19.66 -0.71 -18.15
N TYR C 242 19.35 0.55 -17.87
CA TYR C 242 17.97 0.99 -17.70
C TYR C 242 17.17 0.94 -18.99
N ASP C 243 17.83 0.97 -20.15
CA ASP C 243 17.16 0.86 -21.44
C ASP C 243 17.14 -0.55 -21.99
N ARG C 244 17.77 -1.51 -21.32
CA ARG C 244 17.85 -2.89 -21.81
C ARG C 244 17.18 -3.89 -20.89
N CYS C 245 17.43 -3.80 -19.58
CA CYS C 245 16.87 -4.75 -18.64
C CYS C 245 15.36 -4.55 -18.47
N LYS C 246 14.87 -3.33 -18.70
CA LYS C 246 13.43 -3.06 -18.70
C LYS C 246 12.72 -3.82 -19.81
N LYS C 247 13.28 -3.76 -21.03
CA LYS C 247 12.71 -4.50 -22.16
C LYS C 247 12.88 -6.01 -21.98
N ARG C 248 13.97 -6.43 -21.33
CA ARG C 248 14.15 -7.85 -21.06
C ARG C 248 13.16 -8.36 -20.03
N ILE C 249 12.72 -7.52 -19.07
CA ILE C 249 11.70 -7.99 -18.15
C ILE C 249 10.29 -7.88 -18.74
N THR C 250 10.05 -6.96 -19.69
CA THR C 250 8.80 -7.06 -20.47
C THR C 250 8.75 -8.35 -21.28
N ALA C 251 9.88 -8.74 -21.89
CA ALA C 251 9.97 -10.04 -22.56
C ALA C 251 9.89 -11.20 -21.57
N ALA C 252 10.31 -10.99 -20.33
CA ALA C 252 10.20 -12.03 -19.31
C ALA C 252 8.75 -12.22 -18.87
N LEU C 253 8.01 -11.12 -18.72
CA LEU C 253 6.59 -11.20 -18.38
C LEU C 253 5.78 -11.78 -19.53
N LEU C 254 6.23 -11.61 -20.77
CA LEU C 254 5.64 -12.39 -21.87
C LEU C 254 5.90 -13.88 -21.71
N THR C 255 7.04 -14.27 -21.16
CA THR C 255 7.31 -15.68 -20.91
C THR C 255 6.77 -16.07 -19.54
N ASP C 256 7.12 -17.27 -19.08
CA ASP C 256 6.56 -17.84 -17.88
C ASP C 256 7.75 -17.90 -16.91
N VAL C 257 7.96 -16.79 -16.19
CA VAL C 257 8.99 -16.74 -15.16
C VAL C 257 8.47 -16.19 -13.83
N VAL C 258 7.38 -15.41 -13.81
CA VAL C 258 6.95 -14.77 -12.59
C VAL C 258 6.16 -15.70 -11.69
N TYR C 259 5.75 -16.87 -12.19
CA TYR C 259 5.16 -17.87 -11.33
C TYR C 259 6.22 -18.77 -10.70
N PHE C 260 7.49 -18.58 -11.06
CA PHE C 260 8.59 -19.39 -10.58
C PHE C 260 9.36 -18.74 -9.44
N TYR C 261 9.84 -17.51 -9.65
CA TYR C 261 10.75 -16.88 -8.72
C TYR C 261 10.26 -15.48 -8.34
N THR C 262 10.82 -14.99 -7.25
CA THR C 262 10.49 -13.69 -6.69
C THR C 262 11.06 -12.60 -7.62
N PRO C 263 10.40 -11.44 -7.73
CA PRO C 263 10.84 -10.37 -8.67
C PRO C 263 12.25 -9.82 -8.43
N PRO C 264 12.82 -9.79 -7.20
CA PRO C 264 14.27 -9.56 -7.12
C PRO C 264 15.12 -10.64 -7.76
N GLN C 265 14.68 -11.91 -7.73
CA GLN C 265 15.45 -12.97 -8.38
C GLN C 265 15.35 -12.87 -9.91
N ILE C 266 14.20 -12.45 -10.43
CA ILE C 266 14.06 -12.20 -11.87
C ILE C 266 14.89 -10.99 -12.28
N THR C 267 14.95 -9.97 -11.42
CA THR C 267 15.78 -8.80 -11.65
C THR C 267 17.27 -9.15 -11.71
N LEU C 268 17.74 -9.94 -10.75
CA LEU C 268 19.13 -10.35 -10.75
C LEU C 268 19.43 -11.39 -11.83
N ALA C 269 18.41 -12.10 -12.33
CA ALA C 269 18.60 -12.94 -13.49
C ALA C 269 18.81 -12.12 -14.75
N THR C 270 17.97 -11.11 -14.96
CA THR C 270 18.13 -10.27 -16.14
C THR C 270 19.27 -9.27 -16.03
N LEU C 271 19.85 -9.10 -14.85
CA LEU C 271 21.08 -8.32 -14.73
C LEU C 271 22.33 -9.11 -15.10
N LEU C 272 22.22 -10.43 -15.32
CA LEU C 272 23.35 -11.29 -15.61
C LEU C 272 23.72 -11.28 -17.11
N ILE C 273 23.05 -10.42 -17.90
CA ILE C 273 23.47 -10.18 -19.28
C ILE C 273 24.86 -9.57 -19.32
N GLU C 274 25.13 -8.61 -18.43
CA GLU C 274 26.48 -8.12 -18.19
C GLU C 274 26.96 -8.70 -16.86
N ASP C 275 27.53 -9.91 -16.94
CA ASP C 275 28.07 -10.62 -15.80
C ASP C 275 29.60 -10.62 -15.81
N GLU C 276 30.21 -9.66 -16.50
CA GLU C 276 31.66 -9.59 -16.55
C GLU C 276 32.24 -9.14 -15.21
N ALA C 277 31.67 -8.09 -14.62
CA ALA C 277 32.11 -7.62 -13.32
C ALA C 277 30.99 -7.16 -12.39
N LEU C 278 29.74 -7.17 -12.81
CA LEU C 278 28.67 -6.57 -12.00
C LEU C 278 28.10 -7.52 -10.96
N VAL C 279 27.49 -8.62 -11.41
CA VAL C 279 26.64 -9.43 -10.53
C VAL C 279 27.48 -10.32 -9.61
N THR C 280 28.58 -10.87 -10.14
CA THR C 280 29.47 -11.71 -9.35
C THR C 280 30.17 -10.91 -8.26
N ARG C 281 30.62 -9.69 -8.57
CA ARG C 281 31.19 -8.84 -7.55
C ARG C 281 30.15 -8.23 -6.63
N TYR C 282 28.89 -8.19 -7.04
CA TYR C 282 27.83 -7.74 -6.14
C TYR C 282 27.52 -8.80 -5.09
N LEU C 283 27.22 -10.03 -5.53
CA LEU C 283 26.74 -11.04 -4.60
C LEU C 283 27.84 -11.67 -3.77
N GLU C 284 29.11 -11.52 -4.15
CA GLU C 284 30.18 -12.07 -3.32
C GLU C 284 30.45 -11.22 -2.09
N THR C 285 30.38 -9.89 -2.22
CA THR C 285 30.67 -9.00 -1.11
C THR C 285 29.45 -8.69 -0.26
N LYS C 286 28.24 -9.00 -0.73
CA LYS C 286 27.06 -8.78 0.09
C LYS C 286 26.97 -9.82 1.21
N PHE C 287 27.19 -11.08 0.86
CA PHE C 287 27.02 -12.27 1.70
C PHE C 287 25.65 -12.35 2.40
N SER C 326 23.20 -13.85 6.79
CA SER C 326 21.92 -14.54 6.98
C SER C 326 21.53 -15.32 5.73
N ILE C 327 21.96 -14.84 4.58
CA ILE C 327 21.66 -15.45 3.30
C ILE C 327 22.98 -15.87 2.65
N ASP C 328 23.11 -17.16 2.37
CA ASP C 328 24.29 -17.66 1.69
C ASP C 328 24.28 -17.24 0.22
N SER C 329 25.47 -17.16 -0.36
CA SER C 329 25.61 -16.60 -1.70
C SER C 329 25.42 -17.64 -2.80
N ALA C 330 26.04 -18.82 -2.65
CA ALA C 330 26.13 -19.79 -3.75
C ALA C 330 24.79 -20.40 -4.09
N LYS C 331 23.91 -20.56 -3.09
CA LYS C 331 22.53 -20.97 -3.35
C LYS C 331 21.78 -19.92 -4.16
N LEU C 332 22.05 -18.64 -3.90
CA LEU C 332 21.39 -17.59 -4.66
C LEU C 332 21.95 -17.50 -6.08
N LEU C 333 23.25 -17.76 -6.26
CA LEU C 333 23.81 -17.86 -7.61
C LEU C 333 23.22 -19.03 -8.39
N THR C 334 22.98 -20.17 -7.73
CA THR C 334 22.36 -21.30 -8.44
C THR C 334 20.89 -21.02 -8.77
N ILE C 335 20.19 -20.29 -7.90
CA ILE C 335 18.80 -19.89 -8.17
C ILE C 335 18.72 -18.93 -9.35
N ILE C 336 19.62 -17.95 -9.39
CA ILE C 336 19.67 -16.99 -10.50
C ILE C 336 20.11 -17.68 -11.80
N ARG C 337 21.01 -18.66 -11.70
CA ARG C 337 21.47 -19.40 -12.88
C ARG C 337 20.38 -20.29 -13.46
N GLU C 338 19.60 -20.97 -12.61
CA GLU C 338 18.49 -21.76 -13.15
C GLU C 338 17.34 -20.89 -13.62
N CYS C 339 17.19 -19.68 -13.08
CA CYS C 339 16.24 -18.73 -13.65
C CYS C 339 16.68 -18.25 -15.02
N LYS C 340 17.99 -18.08 -15.22
CA LYS C 340 18.52 -17.77 -16.55
C LYS C 340 18.35 -18.94 -17.51
N SER C 341 18.45 -20.17 -16.99
CA SER C 341 18.16 -21.34 -17.81
C SER C 341 16.69 -21.42 -18.19
N ILE C 342 15.81 -20.92 -17.32
CA ILE C 342 14.38 -20.85 -17.65
C ILE C 342 14.12 -19.79 -18.72
N ILE C 343 14.74 -18.60 -18.57
CA ILE C 343 14.40 -17.49 -19.45
C ILE C 343 15.01 -17.66 -20.84
N GLU C 344 16.05 -18.49 -20.99
CA GLU C 344 16.70 -18.66 -22.27
C GLU C 344 15.93 -19.64 -23.16
#